data_3TQE
#
_entry.id   3TQE
#
_cell.length_a   173.360
_cell.length_b   63.184
_cell.length_c   42.769
_cell.angle_alpha   90.00
_cell.angle_beta   98.81
_cell.angle_gamma   90.00
#
_symmetry.space_group_name_H-M   'C 1 2 1'
#
loop_
_entity.id
_entity.type
_entity.pdbx_description
1 polymer 'Malonyl-CoA-[acyl-carrier-protein] transacylase'
2 non-polymer GLYCINE
3 non-polymer 1,2-ETHANEDIOL
4 water water
#
_entity_poly.entity_id   1
_entity_poly.type   'polypeptide(L)'
_entity_poly.pdbx_seq_one_letter_code
;SYV(MSE)PQSFAFVFPGQGSQHLG(MSE)LAELGLQQPIVLETFQQASSALAYDLWALVQHGPQERLDQTQFTQPALLT
ADVAIFRCWEALGGPKPQV(MSE)AGHSLGEYAALVCAGALKFEEAVKLVEKRGQY(MSE)QEAVPVGEGA(MSE)GAII
GLNEAEIESICENAALGQVVQPANLNSTDQTVISGHSEAVDRALN(MSE)AKTEGAKIAKRIPVSVPSHCPL(MSE)QPA
ADRLAQDIAKISIDSPKVPVIHNVDVVDHNEANIIRGALIKQLVRPVRWVETIKYIEEQGIKVF(MSE)ECGPDNKLAGL
IKRIDRQSEILPLTTTELILTAIKRLTH
;
_entity_poly.pdbx_strand_id   A
#
loop_
_chem_comp.id
_chem_comp.type
_chem_comp.name
_chem_comp.formula
EDO non-polymer 1,2-ETHANEDIOL 'C2 H6 O2'
#
# COMPACT_ATOMS: atom_id res chain seq x y z
N SER A 1 28.50 -23.33 -9.18
CA SER A 1 29.19 -23.04 -7.89
C SER A 1 28.50 -21.87 -7.19
N TYR A 2 28.95 -21.59 -5.97
CA TYR A 2 28.34 -20.57 -5.14
C TYR A 2 28.27 -19.23 -5.83
N VAL A 3 27.08 -18.64 -5.79
CA VAL A 3 26.88 -17.30 -6.25
C VAL A 3 26.14 -16.60 -5.14
N MSE A 4 26.69 -15.51 -4.70
CA MSE A 4 25.99 -14.74 -3.69
CA MSE A 4 26.06 -14.64 -3.70
C MSE A 4 24.77 -14.10 -4.32
O MSE A 4 24.86 -13.39 -5.28
CB MSE A 4 26.82 -13.64 -3.12
CB MSE A 4 27.01 -13.47 -3.43
CG MSE A 4 25.90 -12.72 -2.41
CG MSE A 4 26.52 -12.31 -2.57
SE MSE A 4 26.43 -12.63 -0.69
SE MSE A 4 27.43 -12.12 -0.88
CE MSE A 4 27.64 -11.11 -0.98
CE MSE A 4 26.55 -13.66 -0.06
N PRO A 5 23.61 -14.38 -3.72
CA PRO A 5 22.41 -13.78 -4.32
C PRO A 5 22.37 -12.28 -4.18
N GLN A 6 21.71 -11.63 -5.12
CA GLN A 6 21.45 -10.22 -5.02
C GLN A 6 20.52 -10.02 -3.83
N SER A 7 20.79 -8.98 -3.05
CA SER A 7 19.88 -8.58 -2.00
CA SER A 7 19.85 -8.57 -2.00
C SER A 7 18.65 -7.95 -2.64
N PHE A 8 17.50 -8.12 -2.01
CA PHE A 8 16.28 -7.62 -2.59
C PHE A 8 15.27 -7.31 -1.53
N ALA A 9 14.33 -6.47 -1.93
CA ALA A 9 13.24 -6.06 -1.09
C ALA A 9 11.94 -6.45 -1.76
N PHE A 10 10.95 -6.80 -0.96
CA PHE A 10 9.59 -6.90 -1.44
C PHE A 10 8.84 -5.65 -1.08
N VAL A 11 8.14 -5.12 -2.06
CA VAL A 11 7.27 -3.98 -1.88
C VAL A 11 5.85 -4.35 -2.22
N PHE A 12 4.94 -4.00 -1.33
CA PHE A 12 3.57 -4.46 -1.41
C PHE A 12 2.65 -3.31 -1.74
N PRO A 13 1.93 -3.42 -2.83
CA PRO A 13 1.06 -2.36 -3.21
C PRO A 13 -0.22 -2.28 -2.41
N GLY A 14 -0.78 -1.09 -2.43
CA GLY A 14 -2.04 -0.79 -1.78
C GLY A 14 -3.05 -0.23 -2.77
N GLN A 15 -3.95 0.60 -2.25
N GLN A 15 -3.99 0.55 -2.25
CA GLN A 15 -4.99 1.27 -3.04
CA GLN A 15 -5.09 1.02 -3.08
C GLN A 15 -4.49 1.79 -4.37
C GLN A 15 -4.59 1.80 -4.30
N GLY A 16 -5.28 1.57 -5.42
CA GLY A 16 -4.93 2.02 -6.72
C GLY A 16 -4.45 0.88 -7.56
N SER A 17 -3.95 -0.18 -6.93
CA SER A 17 -3.43 -1.30 -7.68
C SER A 17 -4.48 -2.37 -7.96
N GLN A 18 -5.69 -2.21 -7.44
CA GLN A 18 -6.71 -3.18 -7.68
C GLN A 18 -7.37 -3.00 -9.02
N HIS A 19 -7.71 -4.11 -9.64
CA HIS A 19 -8.48 -4.10 -10.87
CA HIS A 19 -8.42 -4.14 -10.91
C HIS A 19 -9.25 -5.39 -11.00
N LEU A 20 -10.39 -5.31 -11.68
CA LEU A 20 -11.14 -6.51 -11.93
C LEU A 20 -10.31 -7.48 -12.70
N GLY A 21 -10.41 -8.74 -12.32
CA GLY A 21 -9.70 -9.80 -12.97
C GLY A 21 -8.27 -9.96 -12.52
N MSE A 22 -7.86 -9.18 -11.54
CA MSE A 22 -6.50 -9.33 -11.10
C MSE A 22 -6.22 -10.76 -10.64
O MSE A 22 -7.05 -11.49 -10.09
CB MSE A 22 -6.14 -8.28 -10.06
CG MSE A 22 -6.91 -8.38 -8.86
SE MSE A 22 -6.33 -7.05 -7.56
CE MSE A 22 -7.38 -8.08 -6.28
N LEU A 23 -4.99 -11.16 -10.90
CA LEU A 23 -4.49 -12.48 -10.57
C LEU A 23 -5.19 -13.63 -11.28
N ALA A 24 -5.99 -13.35 -12.32
CA ALA A 24 -6.71 -14.44 -12.97
C ALA A 24 -5.76 -15.51 -13.52
N GLU A 25 -4.68 -15.07 -14.15
CA GLU A 25 -3.71 -16.02 -14.70
C GLU A 25 -3.03 -16.81 -13.61
N LEU A 26 -2.52 -16.11 -12.60
CA LEU A 26 -1.85 -16.79 -11.52
C LEU A 26 -2.81 -17.75 -10.82
N GLY A 27 -4.07 -17.34 -10.73
CA GLY A 27 -5.10 -18.19 -10.13
C GLY A 27 -5.38 -19.48 -10.88
N LEU A 28 -5.19 -19.46 -12.19
CA LEU A 28 -5.27 -20.68 -12.97
C LEU A 28 -4.05 -21.56 -12.76
N GLN A 29 -2.90 -20.93 -12.64
CA GLN A 29 -1.64 -21.63 -12.57
C GLN A 29 -1.31 -22.22 -11.25
N GLN A 30 -1.70 -21.52 -10.18
CA GLN A 30 -1.27 -21.85 -8.83
C GLN A 30 -2.45 -21.99 -7.88
N PRO A 31 -2.74 -23.22 -7.45
CA PRO A 31 -3.80 -23.51 -6.51
C PRO A 31 -3.73 -22.69 -5.23
N ILE A 32 -2.54 -22.27 -4.84
CA ILE A 32 -2.43 -21.51 -3.59
CA ILE A 32 -2.38 -21.46 -3.64
C ILE A 32 -3.19 -20.17 -3.70
N VAL A 33 -3.36 -19.62 -4.88
CA VAL A 33 -4.10 -18.37 -5.04
C VAL A 33 -5.53 -18.56 -4.62
N LEU A 34 -6.18 -19.54 -5.15
CA LEU A 34 -7.59 -19.75 -4.79
C LEU A 34 -7.69 -20.13 -3.34
N GLU A 35 -6.77 -20.93 -2.84
CA GLU A 35 -6.79 -21.30 -1.42
CA GLU A 35 -6.75 -21.30 -1.41
C GLU A 35 -6.68 -20.06 -0.54
N THR A 36 -5.84 -19.12 -0.92
CA THR A 36 -5.67 -17.91 -0.15
C THR A 36 -6.95 -17.07 -0.18
N PHE A 37 -7.56 -16.94 -1.35
CA PHE A 37 -8.80 -16.22 -1.44
C PHE A 37 -9.89 -16.94 -0.67
N GLN A 38 -9.86 -18.26 -0.63
CA GLN A 38 -10.84 -19.02 0.15
CA GLN A 38 -10.86 -18.97 0.14
C GLN A 38 -10.70 -18.70 1.63
N GLN A 39 -9.46 -18.62 2.11
CA GLN A 39 -9.21 -18.25 3.49
C GLN A 39 -9.77 -16.87 3.76
N ALA A 40 -9.49 -15.92 2.88
CA ALA A 40 -10.02 -14.60 3.07
C ALA A 40 -11.54 -14.58 3.06
N SER A 41 -12.13 -15.32 2.14
CA SER A 41 -13.57 -15.38 2.01
C SER A 41 -14.22 -15.96 3.24
N SER A 42 -13.57 -16.94 3.86
CA SER A 42 -14.11 -17.48 5.09
CA SER A 42 -14.07 -17.50 5.12
C SER A 42 -14.10 -16.43 6.20
N ALA A 43 -13.08 -15.59 6.21
CA ALA A 43 -13.01 -14.54 7.18
C ALA A 43 -14.03 -13.42 6.94
N LEU A 44 -14.29 -13.11 5.66
CA LEU A 44 -15.14 -11.99 5.25
C LEU A 44 -16.59 -12.36 5.15
N ALA A 45 -16.84 -13.64 4.92
CA ALA A 45 -18.18 -14.21 4.75
C ALA A 45 -18.82 -13.96 3.40
N TYR A 46 -18.03 -13.57 2.40
CA TYR A 46 -18.48 -13.53 1.01
C TYR A 46 -17.31 -14.00 0.16
N ASP A 47 -17.60 -14.29 -1.11
CA ASP A 47 -16.63 -14.87 -2.01
C ASP A 47 -15.80 -13.77 -2.61
N LEU A 48 -14.63 -13.55 -2.03
CA LEU A 48 -13.78 -12.47 -2.44
C LEU A 48 -13.24 -12.69 -3.85
N TRP A 49 -12.92 -13.92 -4.19
CA TRP A 49 -12.42 -14.17 -5.55
C TRP A 49 -13.46 -13.78 -6.60
N ALA A 50 -14.71 -14.16 -6.35
CA ALA A 50 -15.78 -13.83 -7.25
C ALA A 50 -15.93 -12.34 -7.39
N LEU A 51 -15.78 -11.62 -6.28
CA LEU A 51 -15.89 -10.19 -6.33
C LEU A 51 -14.77 -9.60 -7.16
N VAL A 52 -13.55 -10.06 -6.95
CA VAL A 52 -12.42 -9.51 -7.67
C VAL A 52 -12.46 -9.87 -9.13
N GLN A 53 -12.97 -11.04 -9.46
CA GLN A 53 -12.99 -11.46 -10.87
C GLN A 53 -14.09 -10.81 -11.65
N HIS A 54 -15.25 -10.64 -11.01
CA HIS A 54 -16.45 -10.24 -11.74
C HIS A 54 -17.04 -8.91 -11.32
N GLY A 55 -16.62 -8.39 -10.18
CA GLY A 55 -16.99 -7.05 -9.77
C GLY A 55 -18.39 -6.99 -9.23
N PRO A 56 -19.10 -5.90 -9.52
CA PRO A 56 -18.75 -4.86 -10.46
C PRO A 56 -17.59 -3.98 -10.04
N GLN A 57 -17.07 -3.24 -10.99
CA GLN A 57 -15.97 -2.34 -10.78
C GLN A 57 -16.17 -1.45 -9.58
N GLU A 58 -17.35 -0.86 -9.53
CA GLU A 58 -17.71 0.10 -8.49
CA GLU A 58 -17.66 0.10 -8.51
C GLU A 58 -17.62 -0.53 -7.11
N ARG A 59 -17.92 -1.82 -7.03
CA ARG A 59 -17.91 -2.60 -5.79
CA ARG A 59 -17.90 -2.50 -5.76
C ARG A 59 -16.46 -2.77 -5.34
N LEU A 60 -15.65 -3.28 -6.25
CA LEU A 60 -14.26 -3.50 -5.93
C LEU A 60 -13.56 -2.24 -5.51
N ASP A 61 -13.97 -1.11 -6.05
CA ASP A 61 -13.33 0.15 -5.77
C ASP A 61 -13.78 0.81 -4.46
N GLN A 62 -14.77 0.24 -3.80
CA GLN A 62 -15.20 0.72 -2.49
C GLN A 62 -14.19 0.22 -1.49
N THR A 63 -13.73 1.08 -0.59
CA THR A 63 -12.61 0.84 0.32
CA THR A 63 -12.54 0.72 0.18
C THR A 63 -12.76 -0.44 1.13
N GLN A 64 -13.98 -0.69 1.59
CA GLN A 64 -14.17 -1.87 2.42
C GLN A 64 -13.94 -3.17 1.68
N PHE A 65 -14.04 -3.12 0.36
CA PHE A 65 -13.70 -4.27 -0.48
C PHE A 65 -12.26 -4.21 -1.00
N THR A 66 -11.82 -3.03 -1.40
CA THR A 66 -10.49 -2.86 -1.98
C THR A 66 -9.44 -3.34 -1.01
N GLN A 67 -9.60 -2.99 0.25
CA GLN A 67 -8.56 -3.31 1.19
C GLN A 67 -8.34 -4.82 1.40
N PRO A 68 -9.39 -5.57 1.73
CA PRO A 68 -9.16 -7.01 1.84
C PRO A 68 -8.80 -7.66 0.50
N ALA A 69 -9.29 -7.13 -0.61
CA ALA A 69 -8.97 -7.68 -1.92
C ALA A 69 -7.47 -7.57 -2.17
N LEU A 70 -6.92 -6.40 -1.91
CA LEU A 70 -5.51 -6.18 -2.19
C LEU A 70 -4.63 -6.89 -1.19
N LEU A 71 -5.03 -6.91 0.08
CA LEU A 71 -4.25 -7.66 1.05
C LEU A 71 -4.16 -9.12 0.61
N THR A 72 -5.28 -9.67 0.18
CA THR A 72 -5.35 -11.07 -0.22
C THR A 72 -4.52 -11.30 -1.48
N ALA A 73 -4.62 -10.40 -2.44
CA ALA A 73 -3.85 -10.53 -3.68
C ALA A 73 -2.35 -10.48 -3.38
N ASP A 74 -1.95 -9.55 -2.53
CA ASP A 74 -0.54 -9.40 -2.22
C ASP A 74 -0.03 -10.65 -1.50
N VAL A 75 -0.79 -11.16 -0.53
CA VAL A 75 -0.39 -12.34 0.19
C VAL A 75 -0.38 -13.57 -0.72
N ALA A 76 -1.36 -13.66 -1.60
CA ALA A 76 -1.39 -14.77 -2.56
C ALA A 76 -0.11 -14.80 -3.38
N ILE A 77 0.31 -13.64 -3.84
CA ILE A 77 1.54 -13.59 -4.66
C ILE A 77 2.74 -13.95 -3.84
N PHE A 78 2.80 -13.47 -2.61
CA PHE A 78 3.89 -13.90 -1.74
C PHE A 78 3.94 -15.38 -1.57
N ARG A 79 2.77 -16.00 -1.41
CA ARG A 79 2.72 -17.42 -1.22
C ARG A 79 3.15 -18.17 -2.47
N CYS A 80 2.83 -17.61 -3.63
CA CYS A 80 3.30 -18.21 -4.88
C CYS A 80 4.82 -18.09 -5.02
N TRP A 81 5.38 -16.95 -4.67
CA TRP A 81 6.83 -16.78 -4.62
C TRP A 81 7.45 -17.87 -3.77
N GLU A 82 6.93 -18.08 -2.57
CA GLU A 82 7.52 -19.09 -1.71
C GLU A 82 7.33 -20.49 -2.28
N ALA A 83 6.16 -20.75 -2.86
CA ALA A 83 5.85 -22.08 -3.42
C ALA A 83 6.73 -22.43 -4.58
N LEU A 84 7.17 -21.42 -5.31
CA LEU A 84 7.99 -21.61 -6.49
C LEU A 84 9.49 -21.57 -6.18
N GLY A 85 9.81 -21.55 -4.89
CA GLY A 85 11.18 -21.64 -4.44
C GLY A 85 11.86 -20.34 -4.11
N GLY A 86 11.08 -19.26 -3.97
CA GLY A 86 11.67 -17.98 -3.73
C GLY A 86 12.15 -17.83 -2.29
N PRO A 87 13.31 -17.22 -2.12
CA PRO A 87 13.88 -17.00 -0.81
C PRO A 87 13.27 -15.79 -0.13
N LYS A 88 13.62 -15.60 1.13
CA LYS A 88 13.07 -14.46 1.87
C LYS A 88 13.76 -13.20 1.42
N PRO A 89 13.00 -12.11 1.29
CA PRO A 89 13.63 -10.85 1.03
C PRO A 89 14.41 -10.38 2.25
N GLN A 90 15.30 -9.43 2.02
CA GLN A 90 16.05 -8.83 3.09
C GLN A 90 15.25 -7.82 3.86
N VAL A 91 14.28 -7.22 3.20
CA VAL A 91 13.44 -6.22 3.82
C VAL A 91 12.13 -6.15 3.04
N MSE A 92 11.12 -5.67 3.72
CA MSE A 92 9.80 -5.48 3.12
C MSE A 92 9.29 -4.11 3.43
O MSE A 92 9.59 -3.54 4.46
CB MSE A 92 8.83 -6.50 3.70
CG MSE A 92 9.14 -7.94 3.35
SE MSE A 92 7.85 -9.10 4.23
CE MSE A 92 8.45 -10.81 3.63
N ALA A 93 8.45 -3.58 2.55
CA ALA A 93 7.75 -2.34 2.82
C ALA A 93 6.46 -2.40 2.03
N GLY A 94 5.42 -1.84 2.55
CA GLY A 94 4.18 -1.78 1.84
C GLY A 94 3.64 -0.41 1.82
N HIS A 95 2.92 -0.07 0.76
CA HIS A 95 2.42 1.28 0.64
C HIS A 95 1.01 1.30 1.23
N SER A 96 0.87 1.95 2.39
CA SER A 96 -0.41 2.07 3.14
C SER A 96 -1.04 0.71 3.50
N LEU A 97 -2.09 0.31 2.80
CA LEU A 97 -2.63 -0.99 2.99
C LEU A 97 -1.55 -2.06 2.82
N GLY A 98 -0.61 -1.83 1.93
CA GLY A 98 0.43 -2.79 1.69
C GLY A 98 1.25 -3.11 2.91
N GLU A 99 1.29 -2.22 3.86
CA GLU A 99 2.04 -2.48 5.07
C GLU A 99 1.46 -3.68 5.82
N TYR A 100 0.15 -3.88 5.73
CA TYR A 100 -0.46 -5.03 6.37
C TYR A 100 -0.05 -6.29 5.66
N ALA A 101 0.04 -6.24 4.35
CA ALA A 101 0.50 -7.40 3.63
C ALA A 101 1.92 -7.73 4.03
N ALA A 102 2.76 -6.72 4.16
CA ALA A 102 4.16 -6.94 4.55
C ALA A 102 4.18 -7.60 5.93
N LEU A 103 3.35 -7.14 6.84
CA LEU A 103 3.33 -7.72 8.16
C LEU A 103 2.80 -9.14 8.21
N VAL A 104 1.85 -9.45 7.36
CA VAL A 104 1.41 -10.83 7.23
C VAL A 104 2.53 -11.71 6.69
N CYS A 105 3.20 -11.24 5.64
CA CYS A 105 4.22 -12.04 5.00
C CYS A 105 5.49 -12.15 5.84
N ALA A 106 5.73 -11.18 6.71
CA ALA A 106 6.85 -11.21 7.65
C ALA A 106 6.55 -12.07 8.88
N GLY A 107 5.33 -12.56 9.01
CA GLY A 107 4.94 -13.41 10.11
C GLY A 107 4.46 -12.68 11.35
N ALA A 108 4.18 -11.40 11.26
CA ALA A 108 3.78 -10.63 12.42
C ALA A 108 2.30 -10.74 12.69
N LEU A 109 1.50 -10.86 11.63
CA LEU A 109 0.02 -10.90 11.71
C LEU A 109 -0.48 -12.14 11.01
N LYS A 110 -1.47 -12.78 11.62
CA LYS A 110 -2.13 -13.92 11.01
CA LYS A 110 -2.09 -13.93 10.97
C LYS A 110 -2.95 -13.42 9.83
N PHE A 111 -2.85 -14.08 8.69
CA PHE A 111 -3.54 -13.63 7.50
C PHE A 111 -5.02 -13.37 7.71
N GLU A 112 -5.76 -14.35 8.23
CA GLU A 112 -7.22 -14.21 8.29
C GLU A 112 -7.60 -13.10 9.28
N GLU A 113 -6.79 -12.92 10.31
CA GLU A 113 -7.01 -11.80 11.23
C GLU A 113 -6.76 -10.48 10.54
N ALA A 114 -5.71 -10.44 9.73
CA ALA A 114 -5.41 -9.24 8.98
C ALA A 114 -6.50 -8.91 7.97
N VAL A 115 -7.07 -9.92 7.34
CA VAL A 115 -8.16 -9.69 6.40
C VAL A 115 -9.31 -8.98 7.10
N LYS A 116 -9.69 -9.49 8.26
CA LYS A 116 -10.80 -8.87 8.98
C LYS A 116 -10.41 -7.45 9.40
N LEU A 117 -9.18 -7.27 9.82
CA LEU A 117 -8.73 -5.99 10.29
C LEU A 117 -8.74 -4.94 9.17
N VAL A 118 -8.30 -5.31 7.98
CA VAL A 118 -8.25 -4.33 6.91
C VAL A 118 -9.63 -4.05 6.34
N GLU A 119 -10.55 -5.01 6.45
CA GLU A 119 -11.92 -4.71 6.13
C GLU A 119 -12.43 -3.61 7.05
N LYS A 120 -12.12 -3.75 8.34
CA LYS A 120 -12.52 -2.71 9.29
CA LYS A 120 -12.53 -2.72 9.29
C LYS A 120 -11.82 -1.40 9.00
N ARG A 121 -10.55 -1.48 8.68
CA ARG A 121 -9.80 -0.28 8.34
C ARG A 121 -10.49 0.46 7.20
N GLY A 122 -10.88 -0.27 6.16
CA GLY A 122 -11.57 0.34 5.06
C GLY A 122 -12.90 0.92 5.48
N GLN A 123 -13.66 0.15 6.23
CA GLN A 123 -14.96 0.61 6.71
C GLN A 123 -14.81 1.89 7.52
N TYR A 124 -13.89 1.89 8.45
CA TYR A 124 -13.77 3.05 9.32
C TYR A 124 -13.29 4.27 8.54
N MSE A 125 -12.34 4.07 7.64
CA MSE A 125 -11.83 5.19 6.86
CA MSE A 125 -11.83 5.18 6.83
C MSE A 125 -12.92 5.79 5.98
O MSE A 125 -13.00 7.00 5.85
CB MSE A 125 -10.65 4.75 6.00
CB MSE A 125 -10.71 4.68 5.93
CG MSE A 125 -9.43 4.46 6.84
CG MSE A 125 -9.40 4.50 6.67
SE MSE A 125 -7.94 3.82 5.80
SE MSE A 125 -8.01 3.71 5.62
CE MSE A 125 -8.89 3.49 4.15
CE MSE A 125 -8.00 4.92 4.12
N GLN A 126 -13.75 4.94 5.42
CA GLN A 126 -14.85 5.39 4.59
C GLN A 126 -15.80 6.29 5.35
N GLU A 127 -15.98 6.00 6.62
CA GLU A 127 -16.96 6.67 7.46
C GLU A 127 -16.43 7.92 8.11
N ALA A 128 -15.12 8.17 8.02
CA ALA A 128 -14.53 9.22 8.82
C ALA A 128 -14.98 10.60 8.40
N VAL A 129 -15.15 10.80 7.10
CA VAL A 129 -15.49 12.10 6.53
C VAL A 129 -16.77 11.95 5.72
N PRO A 130 -17.74 12.87 5.90
CA PRO A 130 -18.93 12.69 5.14
C PRO A 130 -18.67 12.74 3.65
N VAL A 131 -19.49 12.00 2.91
CA VAL A 131 -19.43 11.95 1.47
C VAL A 131 -19.23 13.36 0.86
N GLY A 132 -18.23 13.49 -0.01
CA GLY A 132 -17.96 14.75 -0.73
C GLY A 132 -17.10 15.76 -0.01
N GLU A 133 -16.88 15.57 1.28
CA GLU A 133 -16.21 16.59 2.09
C GLU A 133 -14.70 16.45 2.07
N GLY A 134 -14.22 15.30 1.64
CA GLY A 134 -12.79 15.07 1.57
C GLY A 134 -12.34 14.83 0.15
N ALA A 135 -11.04 14.92 -0.05
CA ALA A 135 -10.46 14.66 -1.34
C ALA A 135 -8.97 14.37 -1.21
N MSE A 136 -8.43 13.82 -2.27
CA MSE A 136 -7.01 13.66 -2.45
C MSE A 136 -6.66 14.16 -3.81
O MSE A 136 -7.47 14.11 -4.74
CB MSE A 136 -6.56 12.21 -2.29
CG MSE A 136 -6.91 11.63 -0.95
SE MSE A 136 -6.14 9.91 -0.59
CE MSE A 136 -4.40 10.51 -0.07
N GLY A 137 -5.44 14.62 -3.95
CA GLY A 137 -4.95 15.15 -5.19
C GLY A 137 -3.49 14.86 -5.41
N ALA A 138 -3.13 14.64 -6.65
CA ALA A 138 -1.77 14.36 -7.04
C ALA A 138 -1.13 15.58 -7.61
N ILE A 139 0.09 15.85 -7.17
CA ILE A 139 0.87 16.96 -7.66
C ILE A 139 2.16 16.39 -8.19
N ILE A 140 2.46 16.69 -9.45
CA ILE A 140 3.69 16.22 -10.06
C ILE A 140 4.49 17.43 -10.48
N GLY A 141 5.75 17.47 -10.07
CA GLY A 141 6.68 18.50 -10.53
C GLY A 141 7.11 19.55 -9.53
N LEU A 142 6.63 19.46 -8.30
CA LEU A 142 7.06 20.33 -7.21
C LEU A 142 7.67 19.46 -6.11
N ASN A 143 8.55 20.05 -5.32
CA ASN A 143 9.11 19.29 -4.21
C ASN A 143 8.26 19.40 -2.96
N GLU A 144 8.59 18.61 -1.95
CA GLU A 144 7.76 18.52 -0.76
C GLU A 144 7.68 19.86 -0.05
N ALA A 145 8.79 20.57 0.05
CA ALA A 145 8.83 21.88 0.69
C ALA A 145 7.86 22.85 0.03
N GLU A 146 7.87 22.85 -1.30
CA GLU A 146 7.02 23.74 -2.07
C GLU A 146 5.58 23.37 -1.80
N ILE A 147 5.31 22.07 -1.78
CA ILE A 147 3.96 21.61 -1.56
C ILE A 147 3.50 21.88 -0.14
N GLU A 148 4.37 21.69 0.84
CA GLU A 148 4.01 22.02 2.21
C GLU A 148 3.61 23.49 2.33
N SER A 149 4.37 24.38 1.70
CA SER A 149 4.08 25.79 1.75
C SER A 149 2.73 26.08 1.12
N ILE A 150 2.50 25.49 -0.03
CA ILE A 150 1.21 25.63 -0.70
C ILE A 150 0.08 25.20 0.19
N CYS A 151 0.23 24.05 0.81
CA CYS A 151 -0.85 23.54 1.64
C CYS A 151 -1.14 24.48 2.80
N GLU A 152 -0.08 25.04 3.41
CA GLU A 152 -0.26 25.98 4.50
C GLU A 152 -1.04 27.20 4.01
N ASN A 153 -0.72 27.67 2.81
CA ASN A 153 -1.38 28.87 2.28
C ASN A 153 -2.80 28.60 1.80
N ALA A 154 -3.05 27.39 1.33
CA ALA A 154 -4.37 27.04 0.82
C ALA A 154 -5.36 26.66 1.90
N ALA A 155 -4.88 26.28 3.08
CA ALA A 155 -5.73 25.66 4.06
C ALA A 155 -6.84 26.54 4.55
N LEU A 156 -6.50 27.77 4.93
CA LEU A 156 -7.49 28.77 5.34
C LEU A 156 -8.46 28.20 6.36
N GLY A 157 -7.90 27.44 7.31
CA GLY A 157 -8.71 26.89 8.38
C GLY A 157 -9.17 25.46 8.21
N GLN A 158 -9.05 24.96 7.00
CA GLN A 158 -9.37 23.58 6.68
C GLN A 158 -8.10 22.76 6.72
N VAL A 159 -8.25 21.46 6.49
CA VAL A 159 -7.14 20.53 6.45
C VAL A 159 -6.74 20.28 5.01
N VAL A 160 -5.46 20.43 4.74
CA VAL A 160 -4.88 19.98 3.48
C VAL A 160 -3.40 19.83 3.71
N GLN A 161 -2.87 18.65 3.41
CA GLN A 161 -1.48 18.41 3.63
C GLN A 161 -0.97 17.27 2.79
N PRO A 162 0.36 17.16 2.66
CA PRO A 162 0.94 16.00 2.04
C PRO A 162 0.51 14.71 2.74
N ALA A 163 0.16 13.73 1.93
CA ALA A 163 -0.43 12.48 2.37
C ALA A 163 0.38 11.30 1.90
N ASN A 164 0.80 11.30 0.64
CA ASN A 164 1.69 10.25 0.15
C ASN A 164 2.89 10.90 -0.47
N LEU A 165 4.06 10.64 0.07
CA LEU A 165 5.30 11.16 -0.50
C LEU A 165 5.84 10.07 -1.41
N ASN A 166 5.41 10.08 -2.66
CA ASN A 166 5.51 8.91 -3.51
C ASN A 166 6.77 8.82 -4.32
N SER A 167 7.19 9.92 -4.87
CA SER A 167 8.45 9.95 -5.57
C SER A 167 8.97 11.35 -5.43
N THR A 168 10.15 11.60 -5.97
CA THR A 168 10.81 12.82 -5.58
C THR A 168 9.96 14.09 -5.99
N ASP A 169 9.33 14.02 -7.13
CA ASP A 169 8.49 15.11 -7.56
C ASP A 169 7.05 14.68 -7.73
N GLN A 170 6.61 13.69 -6.94
CA GLN A 170 5.23 13.22 -7.01
CA GLN A 170 5.22 13.24 -7.00
C GLN A 170 4.71 13.07 -5.59
N THR A 171 3.73 13.88 -5.24
CA THR A 171 3.21 13.89 -3.90
C THR A 171 1.70 13.90 -4.03
N VAL A 172 1.02 13.15 -3.20
CA VAL A 172 -0.44 13.22 -3.07
C VAL A 172 -0.75 13.98 -1.81
N ILE A 173 -1.67 14.94 -1.94
CA ILE A 173 -2.19 15.68 -0.82
C ILE A 173 -3.59 15.20 -0.48
N SER A 174 -4.01 15.48 0.74
CA SER A 174 -5.25 15.01 1.27
CA SER A 174 -5.32 15.08 1.18
C SER A 174 -5.84 16.06 2.19
N GLY A 175 -7.16 16.09 2.28
CA GLY A 175 -7.82 16.93 3.25
C GLY A 175 -9.24 17.24 2.83
N HIS A 176 -9.71 18.37 3.29
CA HIS A 176 -11.02 18.81 2.88
C HIS A 176 -11.05 19.08 1.39
N SER A 177 -12.17 18.77 0.77
CA SER A 177 -12.24 18.83 -0.68
C SER A 177 -11.96 20.22 -1.20
N GLU A 178 -12.51 21.24 -0.55
CA GLU A 178 -12.33 22.60 -1.06
C GLU A 178 -10.88 23.01 -0.95
N ALA A 179 -10.24 22.60 0.15
CA ALA A 179 -8.86 22.96 0.41
C ALA A 179 -7.92 22.25 -0.53
N VAL A 180 -8.18 20.97 -0.77
CA VAL A 180 -7.43 20.24 -1.78
C VAL A 180 -7.52 20.95 -3.12
N ASP A 181 -8.71 21.36 -3.53
CA ASP A 181 -8.82 22.03 -4.82
C ASP A 181 -8.05 23.34 -4.83
N ARG A 182 -8.11 24.10 -3.74
CA ARG A 182 -7.35 25.35 -3.65
C ARG A 182 -5.87 25.10 -3.74
N ALA A 183 -5.41 24.06 -3.06
CA ALA A 183 -4.00 23.72 -3.06
C ALA A 183 -3.55 23.26 -4.43
N LEU A 184 -4.35 22.45 -5.09
CA LEU A 184 -3.98 21.98 -6.41
C LEU A 184 -3.89 23.14 -7.36
N ASN A 185 -4.83 24.07 -7.23
CA ASN A 185 -4.78 25.22 -8.13
C ASN A 185 -3.53 26.06 -7.88
N MSE A 186 -3.16 26.24 -6.62
CA MSE A 186 -1.92 26.95 -6.29
C MSE A 186 -0.72 26.20 -6.81
O MSE A 186 0.24 26.81 -7.25
CB MSE A 186 -1.76 27.12 -4.80
CG MSE A 186 -2.65 28.07 -4.22
SE MSE A 186 -2.15 28.37 -2.37
CE MSE A 186 -3.72 29.31 -1.93
N ALA A 187 -0.74 24.88 -6.73
CA ALA A 187 0.40 24.12 -7.23
C ALA A 187 0.60 24.36 -8.71
N LYS A 188 -0.50 24.41 -9.46
CA LYS A 188 -0.42 24.70 -10.88
C LYS A 188 0.14 26.09 -11.09
N THR A 189 -0.32 27.03 -10.26
CA THR A 189 0.16 28.40 -10.32
C THR A 189 1.67 28.48 -10.09
N GLU A 190 2.18 27.61 -9.22
CA GLU A 190 3.61 27.56 -8.90
C GLU A 190 4.44 26.67 -9.84
N GLY A 191 3.81 26.12 -10.88
CA GLY A 191 4.53 25.39 -11.91
C GLY A 191 4.43 23.88 -11.91
N ALA A 192 3.54 23.31 -11.10
CA ALA A 192 3.34 21.89 -11.15
C ALA A 192 2.95 21.45 -12.54
N LYS A 193 3.50 20.33 -13.00
CA LYS A 193 3.15 19.79 -14.31
CA LYS A 193 3.16 19.74 -14.30
C LYS A 193 1.74 19.20 -14.27
N ILE A 194 1.41 18.53 -13.18
CA ILE A 194 0.10 17.96 -12.99
C ILE A 194 -0.33 18.32 -11.58
N ALA A 195 -1.57 18.76 -11.44
CA ALA A 195 -2.16 18.96 -10.10
C ALA A 195 -3.62 18.64 -10.25
N LYS A 196 -4.01 17.43 -9.89
CA LYS A 196 -5.31 16.88 -10.24
CA LYS A 196 -5.35 16.97 -10.19
C LYS A 196 -5.89 16.09 -9.11
N ARG A 197 -7.20 16.12 -8.92
CA ARG A 197 -7.84 15.22 -7.99
C ARG A 197 -7.64 13.77 -8.42
N ILE A 198 -7.45 12.91 -7.45
CA ILE A 198 -7.42 11.45 -7.65
CA ILE A 198 -7.46 11.47 -7.75
C ILE A 198 -8.86 10.98 -7.37
N PRO A 199 -9.33 9.93 -8.06
CA PRO A 199 -10.71 9.43 -7.87
C PRO A 199 -10.93 8.61 -6.60
N VAL A 200 -10.76 9.26 -5.46
CA VAL A 200 -11.08 8.70 -4.16
C VAL A 200 -11.89 9.74 -3.39
N SER A 201 -12.74 9.29 -2.51
CA SER A 201 -13.52 10.19 -1.67
C SER A 201 -12.77 10.38 -0.35
N VAL A 202 -11.99 9.38 0.04
CA VAL A 202 -11.51 9.30 1.41
C VAL A 202 -10.19 10.00 1.55
N PRO A 203 -10.10 11.02 2.41
CA PRO A 203 -8.85 11.75 2.53
C PRO A 203 -7.92 11.08 3.54
N SER A 204 -7.20 10.10 3.04
CA SER A 204 -6.36 9.30 3.91
CA SER A 204 -6.30 9.28 3.85
C SER A 204 -5.07 10.02 4.27
N HIS A 205 -4.43 9.56 5.33
CA HIS A 205 -3.13 10.04 5.75
C HIS A 205 -3.12 11.49 6.08
N CYS A 206 -4.16 11.90 6.79
CA CYS A 206 -4.24 13.24 7.31
C CYS A 206 -5.10 13.22 8.53
N PRO A 207 -5.16 14.33 9.26
CA PRO A 207 -5.89 14.32 10.51
C PRO A 207 -7.39 14.06 10.40
N LEU A 208 -7.96 14.19 9.21
CA LEU A 208 -9.37 13.83 9.05
C LEU A 208 -9.64 12.36 9.29
N MSE A 209 -8.60 11.54 9.26
CA MSE A 209 -8.76 10.13 9.56
C MSE A 209 -8.74 9.83 11.05
O MSE A 209 -8.89 8.69 11.43
CB MSE A 209 -7.66 9.34 8.88
CG MSE A 209 -7.77 9.21 7.41
SE MSE A 209 -9.40 8.33 6.77
CE MSE A 209 -10.39 9.92 6.31
N GLN A 210 -8.58 10.85 11.91
CA GLN A 210 -8.48 10.54 13.31
C GLN A 210 -9.66 9.72 13.86
N PRO A 211 -10.89 9.99 13.42
CA PRO A 211 -11.98 9.17 13.96
C PRO A 211 -11.83 7.70 13.59
N ALA A 212 -11.32 7.44 12.39
CA ALA A 212 -11.07 6.07 11.97
C ALA A 212 -9.94 5.46 12.76
N ALA A 213 -8.91 6.24 13.02
CA ALA A 213 -7.76 5.76 13.76
C ALA A 213 -8.20 5.36 15.16
N ASP A 214 -9.07 6.16 15.76
CA ASP A 214 -9.54 5.85 17.10
C ASP A 214 -10.29 4.53 17.12
N ARG A 215 -11.08 4.27 16.09
CA ARG A 215 -11.83 3.03 16.01
C ARG A 215 -10.90 1.87 15.74
N LEU A 216 -9.99 2.05 14.80
CA LEU A 216 -9.10 0.96 14.46
C LEU A 216 -8.20 0.61 15.63
N ALA A 217 -7.85 1.58 16.46
CA ALA A 217 -6.96 1.31 17.58
C ALA A 217 -7.59 0.30 18.51
N GLN A 218 -8.89 0.35 18.63
CA GLN A 218 -9.59 -0.61 19.48
C GLN A 218 -9.48 -2.02 18.95
N ASP A 219 -9.57 -2.17 17.63
CA ASP A 219 -9.47 -3.49 17.03
C ASP A 219 -8.07 -4.01 17.04
N ILE A 220 -7.12 -3.13 16.77
CA ILE A 220 -5.71 -3.51 16.68
CA ILE A 220 -5.75 -3.58 16.67
C ILE A 220 -5.19 -3.96 18.04
N ALA A 221 -5.74 -3.42 19.12
CA ALA A 221 -5.31 -3.82 20.44
C ALA A 221 -5.64 -5.27 20.72
N LYS A 222 -6.62 -5.82 20.00
CA LYS A 222 -7.13 -7.16 20.29
C LYS A 222 -6.46 -8.21 19.42
N ILE A 223 -5.75 -7.79 18.39
CA ILE A 223 -5.14 -8.72 17.45
CA ILE A 223 -5.14 -8.72 17.45
C ILE A 223 -3.74 -9.09 17.93
N SER A 224 -3.39 -10.35 17.81
CA SER A 224 -2.09 -10.81 18.24
C SER A 224 -1.06 -10.42 17.22
N ILE A 225 0.05 -9.89 17.69
CA ILE A 225 1.13 -9.48 16.82
C ILE A 225 2.40 -10.13 17.30
N ASP A 226 3.05 -10.85 16.40
CA ASP A 226 4.35 -11.45 16.65
C ASP A 226 5.45 -10.57 16.09
N SER A 227 6.69 -10.80 16.49
CA SER A 227 7.77 -9.98 15.96
C SER A 227 7.96 -10.41 14.50
N PRO A 228 8.09 -9.43 13.59
CA PRO A 228 8.32 -9.78 12.21
C PRO A 228 9.62 -10.54 12.06
N LYS A 229 9.62 -11.51 11.16
CA LYS A 229 10.79 -12.33 10.89
C LYS A 229 11.65 -11.79 9.75
N VAL A 230 11.14 -10.80 9.04
CA VAL A 230 11.85 -10.05 8.04
C VAL A 230 11.52 -8.60 8.40
N PRO A 231 12.51 -7.71 8.34
CA PRO A 231 12.23 -6.34 8.70
C PRO A 231 11.21 -5.70 7.78
N VAL A 232 10.23 -5.04 8.37
CA VAL A 232 9.23 -4.30 7.64
C VAL A 232 9.41 -2.84 7.96
N ILE A 233 9.70 -2.03 6.95
CA ILE A 233 9.93 -0.62 7.15
C ILE A 233 8.58 0.08 7.11
N HIS A 234 8.19 0.67 8.22
CA HIS A 234 6.90 1.33 8.32
C HIS A 234 6.84 2.67 7.63
N ASN A 235 5.67 2.95 7.10
CA ASN A 235 5.42 4.17 6.34
C ASN A 235 5.57 5.41 7.15
N VAL A 236 5.18 5.34 8.42
CA VAL A 236 5.01 6.55 9.18
C VAL A 236 6.33 7.09 9.65
N ASP A 237 7.28 6.19 9.92
CA ASP A 237 8.55 6.58 10.50
C ASP A 237 9.79 6.06 9.80
N VAL A 238 9.61 5.27 8.76
CA VAL A 238 10.70 4.78 7.96
C VAL A 238 11.69 3.96 8.78
N VAL A 239 11.18 3.17 9.68
CA VAL A 239 11.98 2.20 10.40
C VAL A 239 11.20 0.94 10.65
N ASP A 240 11.93 -0.12 10.97
CA ASP A 240 11.29 -1.35 11.36
C ASP A 240 11.12 -1.39 12.85
N HIS A 241 10.17 -2.19 13.29
CA HIS A 241 9.87 -2.35 14.70
C HIS A 241 9.64 -3.80 15.04
N ASN A 242 10.12 -4.23 16.20
CA ASN A 242 9.94 -5.61 16.64
C ASN A 242 8.87 -5.78 17.69
N GLU A 243 8.55 -4.71 18.40
CA GLU A 243 7.68 -4.79 19.54
C GLU A 243 6.22 -4.62 19.15
N ALA A 244 5.34 -5.47 19.62
CA ALA A 244 3.94 -5.46 19.19
C ALA A 244 3.29 -4.13 19.38
N ASN A 245 3.46 -3.51 20.53
CA ASN A 245 2.73 -2.26 20.76
C ASN A 245 3.30 -1.12 19.94
N ILE A 246 4.57 -1.21 19.58
CA ILE A 246 5.17 -0.20 18.72
C ILE A 246 4.63 -0.38 17.30
N ILE A 247 4.51 -1.63 16.86
CA ILE A 247 3.87 -1.89 15.59
C ILE A 247 2.43 -1.39 15.59
N ARG A 248 1.68 -1.65 16.66
CA ARG A 248 0.32 -1.12 16.74
C ARG A 248 0.33 0.39 16.59
N GLY A 249 1.20 1.07 17.32
CA GLY A 249 1.27 2.51 17.21
C GLY A 249 1.55 2.96 15.80
N ALA A 250 2.46 2.27 15.12
CA ALA A 250 2.82 2.65 13.77
C ALA A 250 1.66 2.51 12.81
N LEU A 251 0.89 1.46 12.98
CA LEU A 251 -0.25 1.21 12.11
C LEU A 251 -1.36 2.20 12.34
N ILE A 252 -1.55 2.63 13.58
CA ILE A 252 -2.60 3.58 13.86
C ILE A 252 -2.16 4.97 13.40
N LYS A 253 -0.92 5.35 13.69
CA LYS A 253 -0.42 6.65 13.25
C LYS A 253 -0.38 6.77 11.74
N GLN A 254 -0.19 5.65 11.06
CA GLN A 254 -0.15 5.64 9.61
C GLN A 254 -1.37 6.30 9.02
N LEU A 255 -2.51 6.15 9.67
CA LEU A 255 -3.78 6.61 9.14
C LEU A 255 -3.82 8.12 9.03
N VAL A 256 -3.10 8.80 9.92
CA VAL A 256 -3.20 10.24 10.04
C VAL A 256 -1.95 11.00 9.64
N ARG A 257 -0.94 10.29 9.17
CA ARG A 257 0.32 10.88 8.81
CA ARG A 257 0.33 10.86 8.82
C ARG A 257 0.71 10.42 7.42
N PRO A 258 1.61 11.17 6.78
CA PRO A 258 1.95 10.82 5.42
C PRO A 258 2.69 9.53 5.27
N VAL A 259 2.47 8.90 4.14
CA VAL A 259 3.21 7.70 3.76
C VAL A 259 4.54 8.18 3.20
N ARG A 260 5.62 7.84 3.88
CA ARG A 260 6.93 8.32 3.51
C ARG A 260 7.60 7.33 2.58
N TRP A 261 7.04 7.19 1.40
CA TRP A 261 7.51 6.17 0.48
C TRP A 261 8.88 6.51 -0.10
N VAL A 262 9.09 7.73 -0.51
CA VAL A 262 10.38 8.04 -1.09
CA VAL A 262 10.39 8.16 -1.03
C VAL A 262 11.49 7.82 -0.05
N GLU A 263 11.28 8.20 1.20
CA GLU A 263 12.30 7.96 2.21
C GLU A 263 12.50 6.48 2.46
N THR A 264 11.43 5.70 2.38
CA THR A 264 11.52 4.25 2.53
C THR A 264 12.40 3.65 1.44
N ILE A 265 12.17 4.04 0.20
CA ILE A 265 12.94 3.51 -0.91
C ILE A 265 14.39 3.97 -0.78
N LYS A 266 14.60 5.22 -0.40
CA LYS A 266 15.95 5.71 -0.22
C LYS A 266 16.68 4.96 0.90
N TYR A 267 15.97 4.62 1.97
CA TYR A 267 16.53 3.86 3.08
C TYR A 267 16.97 2.51 2.60
N ILE A 268 16.12 1.87 1.80
CA ILE A 268 16.41 0.51 1.33
C ILE A 268 17.63 0.56 0.40
N GLU A 269 17.68 1.54 -0.48
CA GLU A 269 18.79 1.67 -1.40
C GLU A 269 20.07 2.02 -0.69
N GLU A 270 19.98 2.78 0.39
CA GLU A 270 21.17 3.09 1.18
C GLU A 270 21.77 1.86 1.86
N GLN A 271 20.94 0.84 2.06
CA GLN A 271 21.37 -0.44 2.57
C GLN A 271 21.94 -1.36 1.50
N GLY A 272 22.06 -0.86 0.28
CA GLY A 272 22.64 -1.62 -0.81
C GLY A 272 21.66 -2.45 -1.60
N ILE A 273 20.38 -2.28 -1.35
CA ILE A 273 19.39 -3.09 -2.00
C ILE A 273 18.82 -2.28 -3.13
N LYS A 274 19.01 -2.75 -4.36
CA LYS A 274 18.53 -2.03 -5.52
C LYS A 274 17.63 -2.88 -6.40
N VAL A 275 17.24 -4.06 -5.91
CA VAL A 275 16.34 -4.94 -6.62
C VAL A 275 15.10 -5.06 -5.75
N PHE A 276 13.97 -4.73 -6.36
CA PHE A 276 12.69 -4.71 -5.67
C PHE A 276 11.75 -5.65 -6.41
N MSE A 277 10.95 -6.39 -5.67
CA MSE A 277 9.92 -7.23 -6.25
CA MSE A 277 9.93 -7.25 -6.24
C MSE A 277 8.61 -6.66 -5.80
O MSE A 277 8.42 -6.42 -4.61
CB MSE A 277 10.00 -8.66 -5.74
CB MSE A 277 10.05 -8.66 -5.69
CG MSE A 277 10.88 -9.53 -6.50
CG MSE A 277 11.45 -9.14 -5.53
SE MSE A 277 12.66 -8.97 -6.19
SE MSE A 277 11.96 -10.00 -7.09
CE MSE A 277 13.54 -10.44 -7.12
CE MSE A 277 13.74 -10.55 -6.56
N GLU A 278 7.72 -6.43 -6.75
CA GLU A 278 6.43 -5.88 -6.45
C GLU A 278 5.48 -7.04 -6.18
N CYS A 279 5.16 -7.21 -4.91
CA CYS A 279 4.42 -8.36 -4.45
C CYS A 279 2.95 -8.01 -4.38
N GLY A 280 2.35 -7.92 -5.54
CA GLY A 280 0.93 -7.56 -5.66
C GLY A 280 0.61 -7.34 -7.11
N PRO A 281 -0.65 -7.01 -7.38
CA PRO A 281 -1.09 -6.70 -8.72
C PRO A 281 -0.61 -5.31 -9.16
N ASP A 282 -0.59 -5.09 -10.46
CA ASP A 282 -0.27 -3.82 -11.08
C ASP A 282 1.22 -3.49 -10.90
N ASN A 283 1.65 -2.40 -11.47
CA ASN A 283 3.03 -2.00 -11.44
C ASN A 283 3.19 -0.56 -10.94
N LYS A 284 2.30 -0.16 -10.03
CA LYS A 284 2.30 1.20 -9.53
C LYS A 284 3.56 1.48 -8.74
N LEU A 285 3.98 0.57 -7.88
CA LEU A 285 5.18 0.85 -7.10
C LEU A 285 6.42 0.86 -7.97
N ALA A 286 6.45 0.01 -8.99
CA ALA A 286 7.61 0.04 -9.89
C ALA A 286 7.73 1.40 -10.49
N GLY A 287 6.59 1.99 -10.88
CA GLY A 287 6.62 3.32 -11.45
C GLY A 287 7.26 4.32 -10.51
N LEU A 288 6.88 4.29 -9.23
CA LEU A 288 7.44 5.20 -8.27
C LEU A 288 8.90 4.96 -8.04
N ILE A 289 9.28 3.69 -7.87
CA ILE A 289 10.64 3.37 -7.51
C ILE A 289 11.59 3.74 -8.62
N LYS A 290 11.18 3.49 -9.87
CA LYS A 290 12.02 3.84 -11.02
C LYS A 290 12.24 5.33 -11.11
N ARG A 291 11.26 6.13 -10.70
CA ARG A 291 11.41 7.57 -10.68
CA ARG A 291 11.40 7.58 -10.67
C ARG A 291 12.35 8.03 -9.57
N ILE A 292 12.30 7.36 -8.41
CA ILE A 292 13.19 7.63 -7.30
C ILE A 292 14.62 7.30 -7.69
N ASP A 293 14.80 6.16 -8.36
CA ASP A 293 16.13 5.72 -8.81
C ASP A 293 16.05 4.97 -10.12
N ARG A 294 16.47 5.60 -11.20
CA ARG A 294 16.36 4.98 -12.52
C ARG A 294 17.23 3.73 -12.66
N GLN A 295 18.21 3.57 -11.78
CA GLN A 295 19.07 2.40 -11.80
C GLN A 295 18.52 1.22 -11.00
N SER A 296 17.44 1.43 -10.26
CA SER A 296 16.84 0.32 -9.55
C SER A 296 16.21 -0.64 -10.53
N GLU A 297 15.95 -1.85 -10.08
CA GLU A 297 15.24 -2.83 -10.85
C GLU A 297 14.03 -3.28 -10.05
N ILE A 298 12.86 -3.27 -10.67
CA ILE A 298 11.64 -3.72 -10.00
C ILE A 298 11.04 -4.81 -10.86
N LEU A 299 10.85 -5.96 -10.25
CA LEU A 299 10.38 -7.11 -10.96
C LEU A 299 8.94 -7.41 -10.59
N PRO A 300 8.10 -7.63 -11.60
CA PRO A 300 6.74 -8.03 -11.36
C PRO A 300 6.64 -9.51 -11.03
N LEU A 301 5.56 -9.87 -10.35
CA LEU A 301 5.38 -11.22 -9.84
C LEU A 301 4.00 -11.78 -10.13
N THR A 302 3.39 -11.35 -11.22
CA THR A 302 1.99 -11.61 -11.43
C THR A 302 1.68 -12.86 -12.26
N THR A 303 2.71 -13.61 -12.64
CA THR A 303 2.53 -14.91 -13.26
C THR A 303 3.64 -15.83 -12.82
N THR A 304 3.44 -17.11 -13.03
CA THR A 304 4.42 -18.11 -12.66
C THR A 304 5.72 -17.82 -13.38
N GLU A 305 5.66 -17.50 -14.66
CA GLU A 305 6.89 -17.24 -15.43
C GLU A 305 7.62 -16.03 -14.87
N LEU A 306 6.89 -14.98 -14.51
CA LEU A 306 7.52 -13.80 -13.96
C LEU A 306 8.16 -14.10 -12.62
N ILE A 307 7.50 -14.88 -11.80
CA ILE A 307 8.03 -15.25 -10.50
C ILE A 307 9.32 -16.04 -10.69
N LEU A 308 9.29 -17.03 -11.58
CA LEU A 308 10.48 -17.84 -11.79
C LEU A 308 11.62 -17.02 -12.36
N THR A 309 11.32 -16.08 -13.24
CA THR A 309 12.30 -15.16 -13.78
C THR A 309 12.95 -14.32 -12.68
N ALA A 310 12.12 -13.80 -11.80
CA ALA A 310 12.58 -12.99 -10.68
C ALA A 310 13.47 -13.80 -9.77
N ILE A 311 13.08 -15.02 -9.44
CA ILE A 311 13.89 -15.86 -8.58
C ILE A 311 15.23 -16.12 -9.23
N LYS A 312 15.21 -16.41 -10.51
CA LYS A 312 16.45 -16.69 -11.23
C LYS A 312 17.36 -15.47 -11.24
N ARG A 313 16.79 -14.28 -11.35
CA ARG A 313 17.56 -13.04 -11.41
C ARG A 313 18.44 -12.87 -10.19
N LEU A 314 18.03 -13.43 -9.06
CA LEU A 314 18.78 -13.26 -7.83
C LEU A 314 20.16 -13.86 -7.90
N THR A 315 20.35 -14.87 -8.74
CA THR A 315 21.67 -15.49 -8.83
C THR A 315 22.26 -15.48 -10.22
N HIS A 316 21.69 -14.70 -11.11
CA HIS A 316 22.11 -14.68 -12.52
C HIS A 316 22.24 -13.27 -13.09
N GLY B . -3.99 5.73 0.50
CA GLY B . -4.67 4.39 0.52
C GLY B . -4.93 3.88 1.92
O GLY B . -5.10 2.68 2.20
OXT GLY B . -4.97 4.69 2.85
N GLY C . 1.94 -10.93 20.86
CA GLY C . 2.03 -9.74 21.78
C GLY C . 0.91 -8.76 21.51
O GLY C . 0.08 -9.04 20.62
OXT GLY C . 0.83 -7.68 22.16
C1 EDO D . 1.93 -15.48 4.49
O1 EDO D . 1.79 -16.65 3.69
C2 EDO D . 1.57 -15.82 5.92
O2 EDO D . 0.28 -16.47 6.00
#